data_1NYW
#
_entry.id   1NYW
#
_cell.length_a   50.586
_cell.length_b   47.895
_cell.length_c   72.417
_cell.angle_alpha   90.00
_cell.angle_beta   99.02
_cell.angle_gamma   90.00
#
_symmetry.space_group_name_H-M   'P 1 21 1'
#
loop_
_entity.id
_entity.type
_entity.pdbx_description
1 polymer 'dTDP-6-deoxy-D-xylo-4-hexulose 3,5-epimerase'
2 non-polymer "2'DEOXY-THYMIDINE-5'-DIPHOSPHO-ALPHA-D-GLUCOSE"
3 water water
#
_entity_poly.entity_id   1
_entity_poly.type   'polypeptide(L)'
_entity_poly.pdbx_seq_one_letter_code
;MTENFFGKTLAARPVEAIPGMLEFDIPVHGDNRGWFKENFQKEKMLPLGFPESFFAEGKLQNNVSFSRKNVLRGLHAEPW
DKYISVADGGKVLGTWVDLREGETFGNTYQTVIDASKSIFVPRGVANGFQVLSDFVAYSYLVNDYWALELKPKYAFVNYA
DPSLDIKWENLEEAEVSEADENHPFLKDVKPLRKEDL
;
_entity_poly.pdbx_strand_id   A,B
#
loop_
_chem_comp.id
_chem_comp.type
_chem_comp.name
_chem_comp.formula
DAU non-polymer 2'DEOXY-THYMIDINE-5'-DIPHOSPHO-ALPHA-D-GLUCOSE 'C16 H26 N2 O16 P2'
#
# COMPACT_ATOMS: atom_id res chain seq x y z
N ASN A 4 15.04 -13.87 -10.84
CA ASN A 4 15.40 -12.51 -10.33
C ASN A 4 14.21 -11.56 -10.10
N PHE A 5 13.03 -12.12 -9.84
CA PHE A 5 11.93 -11.34 -9.30
C PHE A 5 11.41 -12.01 -8.05
N PHE A 6 11.23 -13.32 -8.11
CA PHE A 6 10.74 -14.04 -6.97
C PHE A 6 11.89 -14.52 -6.07
N GLY A 7 11.59 -14.61 -4.78
CA GLY A 7 12.39 -15.39 -3.84
C GLY A 7 13.69 -14.70 -3.45
N LYS A 8 13.76 -13.40 -3.70
CA LYS A 8 14.91 -12.64 -3.22
C LYS A 8 14.99 -12.67 -1.68
N THR A 9 16.21 -12.58 -1.17
CA THR A 9 16.46 -12.38 0.27
C THR A 9 16.28 -10.91 0.64
N LEU A 10 15.54 -10.66 1.72
CA LEU A 10 15.43 -9.32 2.29
C LEU A 10 16.82 -8.79 2.60
N ALA A 11 17.12 -7.64 2.02
CA ALA A 11 18.44 -7.01 2.16
C ALA A 11 18.42 -5.56 1.75
N ALA A 12 19.35 -4.76 2.30
CA ALA A 12 19.45 -3.34 1.96
C ALA A 12 20.84 -3.00 1.48
N ARG A 13 20.86 -2.01 0.61
CA ARG A 13 22.05 -1.43 0.09
C ARG A 13 21.95 0.08 0.23
N PRO A 14 22.98 0.71 0.79
CA PRO A 14 23.04 2.19 0.79
C PRO A 14 23.22 2.68 -0.66
N VAL A 15 22.73 3.89 -0.94
CA VAL A 15 22.90 4.55 -2.24
C VAL A 15 23.91 5.62 -1.91
N GLU A 16 25.18 5.34 -2.23
CA GLU A 16 26.33 6.15 -1.79
C GLU A 16 26.23 7.62 -2.17
N ALA A 17 25.66 7.93 -3.34
CA ALA A 17 25.45 9.33 -3.81
C ALA A 17 24.53 10.18 -2.98
N ILE A 18 23.66 9.52 -2.25
CA ILE A 18 22.58 10.19 -1.55
C ILE A 18 22.49 9.67 -0.10
N PRO A 19 23.14 10.37 0.81
CA PRO A 19 23.14 9.97 2.24
C PRO A 19 21.79 9.70 2.86
N GLY A 20 21.68 8.57 3.52
CA GLY A 20 20.43 8.11 4.14
C GLY A 20 19.53 7.27 3.26
N MET A 21 19.74 7.32 1.94
CA MET A 21 18.88 6.52 1.05
C MET A 21 19.27 5.07 1.14
N LEU A 22 18.29 4.21 1.10
CA LEU A 22 18.47 2.76 1.14
C LEU A 22 17.58 2.11 0.04
N GLU A 23 18.15 1.11 -0.63
CA GLU A 23 17.47 0.31 -1.67
C GLU A 23 17.34 -1.07 -1.06
N PHE A 24 16.14 -1.60 -1.05
CA PHE A 24 15.83 -2.92 -0.54
C PHE A 24 15.39 -3.95 -1.59
N ASP A 25 15.86 -5.18 -1.40
CA ASP A 25 15.36 -6.35 -2.10
C ASP A 25 14.22 -6.94 -1.24
N ILE A 26 13.02 -7.08 -1.84
CA ILE A 26 11.91 -7.60 -1.11
C ILE A 26 11.58 -9.02 -1.62
N PRO A 27 11.46 -9.98 -0.70
CA PRO A 27 11.02 -11.34 -1.05
C PRO A 27 9.57 -11.32 -1.59
N VAL A 28 9.38 -11.86 -2.78
CA VAL A 28 8.05 -12.01 -3.42
C VAL A 28 7.87 -13.51 -3.63
N HIS A 29 6.79 -14.03 -3.06
CA HIS A 29 6.45 -15.44 -3.12
C HIS A 29 5.32 -15.71 -4.11
N GLY A 30 5.59 -16.57 -5.08
CA GLY A 30 4.66 -16.84 -6.16
C GLY A 30 3.98 -18.18 -6.04
N ASP A 31 2.70 -18.24 -6.41
CA ASP A 31 2.02 -19.50 -6.58
C ASP A 31 0.96 -19.41 -7.67
N ASN A 32 0.11 -20.43 -7.70
CA ASN A 32 -1.10 -20.55 -8.53
C ASN A 32 -1.92 -19.25 -8.76
N ARG A 33 -2.19 -18.58 -7.66
CA ARG A 33 -3.12 -17.46 -7.59
C ARG A 33 -2.53 -16.15 -8.13
N GLY A 34 -1.18 -16.02 -8.06
CA GLY A 34 -0.43 -14.79 -8.30
C GLY A 34 0.81 -14.73 -7.38
N TRP A 35 0.91 -13.69 -6.57
CA TRP A 35 2.02 -13.58 -5.62
C TRP A 35 1.66 -12.76 -4.36
N PHE A 36 2.56 -12.85 -3.38
CA PHE A 36 2.43 -12.17 -2.09
C PHE A 36 3.75 -11.57 -1.66
N LYS A 37 3.76 -10.35 -1.14
CA LYS A 37 4.94 -9.87 -0.42
C LYS A 37 4.60 -9.16 0.89
N GLU A 38 5.54 -9.26 1.85
CA GLU A 38 5.59 -8.25 2.89
C GLU A 38 6.30 -7.03 2.31
N ASN A 39 5.49 -6.05 1.90
CA ASN A 39 6.06 -4.82 1.30
C ASN A 39 6.91 -3.99 2.29
N PHE A 40 6.37 -3.87 3.49
CA PHE A 40 7.04 -3.24 4.63
C PHE A 40 6.81 -4.04 5.88
N GLN A 41 7.88 -4.32 6.61
CA GLN A 41 7.82 -5.08 7.89
C GLN A 41 8.86 -4.39 8.79
N LYS A 42 8.37 -3.62 9.75
CA LYS A 42 9.18 -2.73 10.52
C LYS A 42 10.24 -3.53 11.32
N GLU A 43 9.82 -4.61 11.97
CA GLU A 43 10.77 -5.41 12.82
C GLU A 43 11.96 -5.99 12.03
N LYS A 44 11.69 -6.49 10.84
CA LYS A 44 12.69 -7.04 9.94
C LYS A 44 13.55 -5.95 9.28
N MET A 45 13.02 -4.73 9.13
CA MET A 45 13.67 -3.71 8.30
C MET A 45 14.54 -2.76 9.16
N LEU A 46 14.19 -2.54 10.44
CA LEU A 46 15.07 -1.74 11.36
C LEU A 46 16.52 -2.20 11.38
N PRO A 47 16.77 -3.50 11.59
CA PRO A 47 18.15 -4.02 11.64
C PRO A 47 18.93 -3.90 10.33
N LEU A 48 18.23 -3.78 9.22
CA LEU A 48 18.88 -3.59 7.92
C LEU A 48 19.21 -2.12 7.65
N GLY A 49 18.77 -1.24 8.55
CA GLY A 49 19.12 0.17 8.49
C GLY A 49 17.91 1.09 8.36
N PHE A 50 16.70 0.54 8.27
CA PHE A 50 15.53 1.38 8.13
C PHE A 50 15.49 2.22 9.41
N PRO A 51 15.36 3.53 9.27
CA PRO A 51 15.41 4.41 10.46
C PRO A 51 14.20 4.28 11.39
N GLU A 52 14.49 4.01 12.65
CA GLU A 52 13.46 4.09 13.68
C GLU A 52 12.86 5.48 13.87
N SER A 53 13.55 6.52 13.39
CA SER A 53 13.11 7.91 13.46
C SER A 53 11.92 8.14 12.52
N PHE A 54 11.69 7.19 11.62
CA PHE A 54 10.56 7.28 10.70
C PHE A 54 9.18 7.41 11.35
N PHE A 55 8.89 6.59 12.35
CA PHE A 55 7.59 6.50 13.02
C PHE A 55 7.41 7.28 14.31
N ALA A 56 8.42 8.05 14.67
CA ALA A 56 8.50 8.59 16.04
C ALA A 56 7.54 9.76 16.32
N GLU A 57 7.08 10.47 15.28
CA GLU A 57 6.01 11.48 15.49
C GLU A 57 4.63 10.83 15.48
N GLY A 58 4.57 9.53 15.24
CA GLY A 58 3.34 8.78 15.22
C GLY A 58 2.44 9.14 14.03
N LYS A 59 3.00 9.73 12.99
CA LYS A 59 2.21 10.11 11.83
C LYS A 59 2.36 9.03 10.74
N LEU A 60 1.29 8.73 10.02
CA LEU A 60 1.41 7.71 9.00
C LEU A 60 0.38 7.98 7.88
N GLN A 61 0.85 7.90 6.65
CA GLN A 61 -0.04 8.06 5.50
C GLN A 61 0.49 7.15 4.38
N ASN A 62 -0.41 6.51 3.67
CA ASN A 62 -0.07 5.59 2.57
C ASN A 62 -0.78 6.16 1.32
N ASN A 63 0.01 6.57 0.34
CA ASN A 63 -0.51 7.07 -0.91
C ASN A 63 -0.30 6.03 -2.01
N VAL A 64 -1.21 6.02 -2.98
CA VAL A 64 -1.15 5.12 -4.10
C VAL A 64 -1.47 5.93 -5.37
N SER A 65 -0.60 5.81 -6.39
CA SER A 65 -0.92 6.36 -7.72
C SER A 65 -0.95 5.20 -8.70
N PHE A 66 -1.76 5.39 -9.72
CA PHE A 66 -1.88 4.44 -10.79
C PHE A 66 -1.63 5.19 -12.05
N SER A 67 -0.63 4.75 -12.85
CA SER A 67 -0.14 5.55 -14.00
C SER A 67 0.03 4.71 -15.25
N ARG A 68 -0.20 5.25 -16.45
CA ARG A 68 0.11 4.46 -17.63
C ARG A 68 1.50 4.71 -18.19
N LYS A 69 1.86 3.86 -19.15
CA LYS A 69 3.09 3.97 -19.95
C LYS A 69 3.47 5.41 -20.25
N ASN A 70 4.70 5.70 -19.97
CA ASN A 70 5.39 6.96 -20.26
C ASN A 70 4.98 8.13 -19.35
N VAL A 71 4.09 7.89 -18.41
CA VAL A 71 3.81 8.91 -17.44
C VAL A 71 5.08 9.14 -16.65
N LEU A 72 5.34 10.41 -16.36
CA LEU A 72 6.51 10.80 -15.59
C LEU A 72 6.06 11.76 -14.50
N ARG A 73 6.43 11.44 -13.25
CA ARG A 73 5.95 12.21 -12.10
C ARG A 73 7.21 12.62 -11.33
N GLY A 74 7.39 13.90 -11.09
CA GLY A 74 8.55 14.38 -10.34
C GLY A 74 9.02 15.75 -10.84
N LEU A 75 10.07 16.30 -10.26
CA LEU A 75 10.79 15.72 -9.12
C LEU A 75 10.44 16.47 -7.86
N HIS A 76 10.01 15.72 -6.82
CA HIS A 76 9.35 16.27 -5.67
C HIS A 76 10.11 15.96 -4.39
N ALA A 77 10.50 17.00 -3.66
CA ALA A 77 11.24 16.88 -2.41
C ALA A 77 10.49 17.52 -1.22
N GLU A 78 9.34 16.96 -0.88
CA GLU A 78 8.55 17.46 0.26
C GLU A 78 9.23 17.14 1.59
N PRO A 79 8.89 17.87 2.65
CA PRO A 79 9.56 17.71 3.95
C PRO A 79 9.05 16.52 4.81
N TRP A 80 9.16 15.34 4.23
CA TRP A 80 8.90 14.11 4.95
C TRP A 80 9.64 12.97 4.28
N ASP A 81 9.86 11.90 5.02
CA ASP A 81 10.45 10.69 4.48
C ASP A 81 9.44 9.83 3.71
N LYS A 82 9.95 9.06 2.77
CA LYS A 82 9.11 8.19 1.95
C LYS A 82 9.71 6.79 1.88
N TYR A 83 8.82 5.79 1.92
CA TYR A 83 9.14 4.43 1.61
C TYR A 83 8.31 4.01 0.39
N ILE A 84 8.98 3.77 -0.72
CA ILE A 84 8.35 3.63 -2.04
C ILE A 84 8.49 2.20 -2.56
N SER A 85 7.42 1.71 -3.23
CA SER A 85 7.56 0.43 -3.90
C SER A 85 6.47 0.37 -4.99
N VAL A 86 6.45 -0.72 -5.73
CA VAL A 86 5.39 -0.95 -6.73
C VAL A 86 4.47 -2.04 -6.17
N ALA A 87 3.19 -1.84 -6.33
CA ALA A 87 2.22 -2.73 -5.76
C ALA A 87 1.60 -3.78 -6.71
N ASP A 88 1.80 -3.65 -8.02
CA ASP A 88 1.25 -4.61 -8.98
C ASP A 88 2.40 -5.21 -9.84
N GLY A 89 2.10 -5.69 -11.05
CA GLY A 89 3.06 -6.29 -11.93
C GLY A 89 3.87 -5.35 -12.78
N GLY A 90 3.72 -4.06 -12.53
CA GLY A 90 4.37 -3.00 -13.30
C GLY A 90 5.82 -2.66 -12.93
N LYS A 91 6.37 -1.68 -13.63
CA LYS A 91 7.78 -1.35 -13.48
C LYS A 91 7.95 0.13 -13.73
N VAL A 92 8.81 0.80 -12.99
CA VAL A 92 9.13 2.20 -13.25
C VAL A 92 10.62 2.40 -13.17
N LEU A 93 11.12 3.44 -13.86
CA LEU A 93 12.45 3.99 -13.60
C LEU A 93 12.35 5.03 -12.50
N GLY A 94 12.88 4.68 -11.35
CA GLY A 94 12.90 5.53 -10.17
C GLY A 94 14.09 6.47 -10.34
N THR A 95 13.92 7.73 -10.03
CA THR A 95 14.97 8.80 -10.24
C THR A 95 14.92 9.69 -9.01
N TRP A 96 16.12 10.05 -8.54
CA TRP A 96 16.32 10.83 -7.34
C TRP A 96 17.32 11.89 -7.52
N VAL A 97 17.08 13.10 -6.99
CA VAL A 97 18.09 14.19 -7.01
C VAL A 97 18.11 14.77 -5.61
N ASP A 98 19.30 14.82 -4.99
CA ASP A 98 19.44 15.31 -3.64
C ASP A 98 19.41 16.84 -3.65
N LEU A 99 18.46 17.45 -2.94
CA LEU A 99 18.24 18.89 -2.96
C LEU A 99 18.64 19.49 -1.63
N ARG A 100 19.33 18.71 -0.81
CA ARG A 100 19.82 19.17 0.46
C ARG A 100 21.12 19.99 0.40
N GLU A 101 21.18 21.01 1.24
CA GLU A 101 22.35 21.88 1.27
C GLU A 101 23.64 21.06 1.53
N GLY A 102 24.73 21.41 0.85
CA GLY A 102 25.98 20.67 0.97
C GLY A 102 26.58 20.06 -0.30
N GLU A 103 27.58 19.19 -0.08
CA GLU A 103 28.42 18.56 -1.12
C GLU A 103 27.64 17.62 -2.00
N THR A 104 26.55 17.09 -1.47
CA THR A 104 25.71 16.17 -2.24
C THR A 104 24.55 16.86 -2.92
N PHE A 105 24.42 18.18 -2.83
CA PHE A 105 23.36 18.84 -3.63
C PHE A 105 23.55 18.55 -5.09
N GLY A 106 22.52 18.01 -5.70
CA GLY A 106 22.46 17.70 -7.10
C GLY A 106 22.90 16.28 -7.44
N ASN A 107 23.33 15.52 -6.43
CA ASN A 107 23.70 14.13 -6.63
C ASN A 107 22.49 13.35 -7.01
N THR A 108 22.69 12.39 -7.88
CA THR A 108 21.58 11.60 -8.41
C THR A 108 21.76 10.08 -8.27
N TYR A 109 20.61 9.40 -8.40
CA TYR A 109 20.60 7.96 -8.48
C TYR A 109 19.35 7.58 -9.30
N GLN A 110 19.45 6.50 -10.03
CA GLN A 110 18.37 5.92 -10.81
C GLN A 110 18.42 4.43 -10.75
N THR A 111 17.26 3.79 -10.68
CA THR A 111 17.17 2.37 -10.74
C THR A 111 15.74 1.90 -11.14
N VAL A 112 15.62 0.74 -11.77
CA VAL A 112 14.36 0.14 -12.12
C VAL A 112 13.71 -0.46 -10.84
N ILE A 113 12.47 -0.08 -10.58
CA ILE A 113 11.72 -0.57 -9.45
C ILE A 113 10.53 -1.37 -9.94
N ASP A 114 10.47 -2.59 -9.46
CA ASP A 114 9.25 -3.44 -9.61
C ASP A 114 8.82 -3.86 -8.19
N ALA A 115 7.84 -4.75 -8.11
CA ALA A 115 7.37 -5.13 -6.75
C ALA A 115 8.42 -5.78 -5.83
N SER A 116 9.57 -6.27 -6.35
CA SER A 116 10.62 -6.95 -5.58
C SER A 116 11.71 -5.97 -5.15
N LYS A 117 11.50 -4.67 -5.36
CA LYS A 117 12.39 -3.60 -4.84
C LYS A 117 11.63 -2.47 -4.16
N SER A 118 12.24 -1.96 -3.07
CA SER A 118 11.72 -0.74 -2.46
C SER A 118 12.84 0.24 -2.16
N ILE A 119 12.47 1.47 -1.92
CA ILE A 119 13.44 2.54 -1.68
C ILE A 119 13.04 3.40 -0.49
N PHE A 120 13.97 3.65 0.45
CA PHE A 120 13.72 4.65 1.43
C PHE A 120 14.37 5.96 0.96
N VAL A 121 13.59 7.01 0.90
CA VAL A 121 13.96 8.31 0.37
C VAL A 121 13.92 9.31 1.53
N PRO A 122 15.08 9.77 2.02
CA PRO A 122 15.06 10.75 3.11
C PRO A 122 14.43 12.08 2.71
N ARG A 123 13.78 12.75 3.67
CA ARG A 123 13.31 14.08 3.42
C ARG A 123 14.43 14.97 2.83
N GLY A 124 14.05 15.75 1.82
CA GLY A 124 15.01 16.65 1.19
C GLY A 124 15.58 16.08 -0.10
N VAL A 125 15.25 14.82 -0.42
CA VAL A 125 15.74 14.21 -1.68
C VAL A 125 14.53 14.18 -2.61
N ALA A 126 14.69 14.75 -3.81
CA ALA A 126 13.60 14.79 -4.76
C ALA A 126 13.39 13.41 -5.38
N ASN A 127 12.12 13.01 -5.48
CA ASN A 127 11.67 11.69 -5.90
C ASN A 127 10.96 11.87 -7.21
N GLY A 128 11.22 10.94 -8.10
CA GLY A 128 10.50 10.89 -9.34
C GLY A 128 10.48 9.49 -9.90
N PHE A 129 9.67 9.32 -10.97
CA PHE A 129 9.71 8.05 -11.72
C PHE A 129 9.07 8.22 -13.08
N GLN A 130 9.43 7.35 -14.00
CA GLN A 130 8.67 7.21 -15.22
C GLN A 130 8.26 5.75 -15.43
N VAL A 131 7.03 5.56 -15.91
CA VAL A 131 6.50 4.24 -16.07
C VAL A 131 7.05 3.53 -17.31
N LEU A 132 7.52 2.29 -17.12
CA LEU A 132 8.13 1.50 -18.19
C LEU A 132 7.17 0.48 -18.75
N SER A 133 6.29 -0.05 -17.89
CA SER A 133 5.25 -1.04 -18.24
C SER A 133 4.03 -0.32 -18.79
N ASP A 134 3.01 -1.06 -19.16
CA ASP A 134 1.80 -0.46 -19.78
C ASP A 134 1.10 0.41 -18.75
N PHE A 135 1.15 -0.04 -17.51
CA PHE A 135 0.55 0.65 -16.33
C PHE A 135 1.31 0.22 -15.06
N VAL A 136 1.21 0.96 -13.97
CA VAL A 136 1.86 0.59 -12.71
C VAL A 136 1.13 1.19 -11.51
N ALA A 137 1.10 0.46 -10.36
CA ALA A 137 0.55 0.92 -9.13
C ALA A 137 1.74 1.20 -8.24
N TYR A 138 1.86 2.45 -7.88
CA TYR A 138 2.97 2.93 -7.05
C TYR A 138 2.40 3.24 -5.66
N SER A 139 2.95 2.60 -4.64
CA SER A 139 2.42 2.75 -3.28
C SER A 139 3.53 3.13 -2.37
N TYR A 140 3.29 4.11 -1.49
CA TYR A 140 4.38 4.57 -0.65
C TYR A 140 3.84 5.00 0.69
N LEU A 141 4.68 4.95 1.69
CA LEU A 141 4.39 5.33 3.07
C LEU A 141 5.19 6.58 3.41
N VAL A 142 4.54 7.51 4.11
CA VAL A 142 5.11 8.79 4.50
C VAL A 142 4.80 9.07 5.98
N ASN A 143 5.61 9.94 6.56
CA ASN A 143 5.54 10.24 7.99
C ASN A 143 5.21 11.69 8.33
N ASP A 144 4.64 12.41 7.37
CA ASP A 144 3.98 13.68 7.61
C ASP A 144 2.93 13.90 6.58
N TYR A 145 2.12 14.95 6.82
CA TYR A 145 0.87 15.12 6.08
C TYR A 145 0.88 16.31 5.15
N TRP A 146 0.61 16.03 3.87
CA TRP A 146 0.58 16.98 2.77
C TRP A 146 -0.72 17.78 2.82
N ALA A 147 -0.63 19.03 2.37
CA ALA A 147 -1.78 19.91 2.15
C ALA A 147 -1.50 20.77 0.91
N LEU A 148 -2.46 20.85 0.01
CA LEU A 148 -2.30 21.59 -1.24
C LEU A 148 -1.98 23.06 -1.03
N GLU A 149 -2.66 23.67 -0.08
CA GLU A 149 -2.39 25.07 0.23
C GLU A 149 -0.96 25.29 0.70
N LEU A 150 -0.29 24.23 1.15
CA LEU A 150 1.08 24.29 1.68
C LEU A 150 2.12 23.96 0.61
N LYS A 151 1.64 23.49 -0.54
CA LYS A 151 2.50 23.07 -1.65
C LYS A 151 3.55 24.11 -2.08
N PRO A 152 3.23 25.42 -2.09
CA PRO A 152 4.25 26.43 -2.37
C PRO A 152 5.51 26.36 -1.48
N LYS A 153 5.46 25.69 -0.32
CA LYS A 153 6.60 25.61 0.59
C LYS A 153 7.51 24.38 0.38
N TYR A 154 7.03 23.37 -0.32
CA TYR A 154 7.84 22.19 -0.62
C TYR A 154 8.83 22.47 -1.78
N ALA A 155 9.92 21.72 -1.85
CA ALA A 155 10.91 21.89 -2.91
C ALA A 155 10.62 20.96 -4.10
N PHE A 156 10.87 21.47 -5.32
CA PHE A 156 10.64 20.77 -6.57
C PHE A 156 11.73 21.19 -7.54
N VAL A 157 12.08 20.33 -8.47
CA VAL A 157 12.95 20.66 -9.56
C VAL A 157 12.40 20.04 -10.85
N ASN A 158 12.53 20.78 -11.95
CA ASN A 158 11.93 20.43 -13.21
C ASN A 158 12.56 19.16 -13.83
N TYR A 159 11.70 18.20 -14.18
CA TYR A 159 12.12 16.92 -14.73
C TYR A 159 12.98 17.07 -15.98
N ALA A 160 12.67 18.09 -16.78
CA ALA A 160 13.32 18.31 -18.10
C ALA A 160 14.53 19.23 -18.10
N ASP A 161 15.04 19.60 -16.94
CA ASP A 161 16.27 20.40 -16.90
C ASP A 161 17.48 19.54 -17.36
N PRO A 162 18.09 19.90 -18.47
CA PRO A 162 19.15 19.05 -19.01
C PRO A 162 20.45 19.04 -18.21
N SER A 163 20.61 19.91 -17.22
CA SER A 163 21.79 19.91 -16.35
C SER A 163 21.74 18.84 -15.24
N LEU A 164 20.53 18.30 -15.02
CA LEU A 164 20.40 17.19 -14.06
C LEU A 164 21.07 15.93 -14.59
N ASP A 165 21.75 15.24 -13.69
CA ASP A 165 22.53 14.03 -13.99
C ASP A 165 21.60 12.81 -13.95
N ILE A 166 20.57 12.86 -14.80
CA ILE A 166 19.66 11.76 -14.95
C ILE A 166 19.39 11.56 -16.42
N LYS A 167 18.92 10.33 -16.73
CA LYS A 167 18.38 10.02 -18.05
C LYS A 167 17.02 9.39 -17.90
N TRP A 168 15.95 10.06 -18.30
CA TRP A 168 14.63 9.42 -18.30
C TRP A 168 14.52 8.42 -19.45
N GLU A 169 13.61 7.47 -19.32
CA GLU A 169 13.43 6.49 -20.36
C GLU A 169 12.93 7.14 -21.66
N ASN A 170 12.07 8.14 -21.50
CA ASN A 170 11.37 8.76 -22.62
C ASN A 170 10.96 10.16 -22.22
N LEU A 171 11.91 11.08 -22.33
CA LEU A 171 11.67 12.46 -21.99
C LEU A 171 10.76 13.14 -23.01
N GLU A 172 11.04 12.90 -24.28
CA GLU A 172 10.41 13.60 -25.35
C GLU A 172 8.94 13.29 -25.46
N GLU A 173 8.53 12.10 -25.01
CA GLU A 173 7.09 11.69 -25.02
C GLU A 173 6.41 11.55 -23.66
N ALA A 174 7.00 12.20 -22.68
CA ALA A 174 6.54 11.99 -21.31
C ALA A 174 5.21 12.60 -21.16
N GLU A 175 4.33 11.95 -20.36
CA GLU A 175 3.02 12.47 -19.95
C GLU A 175 3.16 12.99 -18.53
N VAL A 176 3.08 14.30 -18.39
CA VAL A 176 3.34 14.98 -17.13
C VAL A 176 2.20 15.90 -16.76
N SER A 177 2.17 16.25 -15.49
CA SER A 177 1.19 17.23 -15.03
C SER A 177 1.58 18.66 -15.34
N GLU A 178 0.60 19.58 -15.29
CA GLU A 178 0.89 20.98 -15.54
C GLU A 178 1.83 21.47 -14.47
N ALA A 179 1.65 20.97 -13.25
CA ALA A 179 2.53 21.37 -12.16
C ALA A 179 3.95 20.96 -12.46
N ASP A 180 4.13 19.74 -12.97
CA ASP A 180 5.48 19.24 -13.20
C ASP A 180 6.15 19.91 -14.40
N GLU A 181 5.37 20.38 -15.38
CA GLU A 181 5.92 21.19 -16.47
C GLU A 181 6.56 22.50 -16.02
N ASN A 182 6.12 23.02 -14.87
CA ASN A 182 6.45 24.37 -14.43
C ASN A 182 7.33 24.48 -13.19
N HIS A 183 7.83 23.37 -12.65
CA HIS A 183 8.74 23.44 -11.52
C HIS A 183 10.02 24.15 -11.98
N PRO A 184 10.73 24.80 -11.06
CA PRO A 184 11.96 25.50 -11.45
C PRO A 184 13.10 24.57 -11.87
N PHE A 185 13.98 25.11 -12.69
CA PHE A 185 15.22 24.42 -12.98
C PHE A 185 16.15 24.44 -11.77
N LEU A 186 17.18 23.59 -11.80
CA LEU A 186 18.01 23.36 -10.61
C LEU A 186 18.69 24.64 -10.12
N LYS A 187 19.12 25.49 -11.08
CA LYS A 187 19.83 26.73 -10.76
C LYS A 187 18.97 27.73 -9.99
N ASP A 188 17.66 27.51 -9.95
CA ASP A 188 16.71 28.33 -9.21
C ASP A 188 16.12 27.69 -7.95
N VAL A 189 16.64 26.52 -7.58
CA VAL A 189 16.24 25.84 -6.37
C VAL A 189 17.18 26.22 -5.24
N LYS A 190 16.62 26.71 -4.13
CA LYS A 190 17.39 26.91 -2.90
C LYS A 190 17.64 25.56 -2.23
N PRO A 191 18.88 25.18 -1.99
CA PRO A 191 19.13 23.92 -1.27
C PRO A 191 18.53 23.91 0.15
N LEU A 192 18.00 22.75 0.50
CA LEU A 192 17.24 22.53 1.72
C LEU A 192 18.16 22.31 2.89
N ARG A 193 17.98 23.11 3.93
CA ARG A 193 18.73 22.95 5.18
C ARG A 193 17.87 22.10 6.10
N LYS A 194 18.49 21.46 7.09
CA LYS A 194 17.71 20.73 8.10
C LYS A 194 16.56 21.58 8.65
N GLU A 195 16.72 22.89 8.65
CA GLU A 195 15.71 23.79 9.21
C GLU A 195 14.44 23.79 8.35
N ASP A 196 14.61 23.55 7.05
CA ASP A 196 13.50 23.43 6.09
C ASP A 196 13.03 21.99 5.98
N LEU A 197 13.85 21.09 6.50
CA LEU A 197 13.79 19.65 6.24
C LEU A 197 14.14 19.31 4.79
N GLU B 3 -20.53 2.44 -10.67
CA GLU B 3 -19.68 3.19 -11.62
C GLU B 3 -19.36 4.59 -11.09
N ASN B 4 -19.33 4.69 -9.76
CA ASN B 4 -18.90 5.85 -9.07
C ASN B 4 -17.48 5.51 -8.50
N PHE B 5 -16.45 6.20 -8.96
CA PHE B 5 -15.07 5.89 -8.62
C PHE B 5 -14.29 7.10 -8.14
N PHE B 6 -14.37 8.20 -8.88
CA PHE B 6 -13.70 9.45 -8.60
C PHE B 6 -14.36 10.39 -7.68
N GLY B 7 -13.58 11.12 -6.88
CA GLY B 7 -14.11 12.28 -6.18
C GLY B 7 -15.08 12.02 -5.07
N LYS B 8 -15.01 10.84 -4.46
CA LYS B 8 -15.84 10.53 -3.30
C LYS B 8 -15.31 11.37 -2.13
N THR B 9 -16.18 11.79 -1.25
CA THR B 9 -15.77 12.49 -0.07
C THR B 9 -15.31 11.43 0.90
N LEU B 10 -14.30 11.75 1.69
CA LEU B 10 -13.78 10.83 2.63
C LEU B 10 -14.81 10.62 3.73
N ALA B 11 -15.23 9.39 3.90
CA ALA B 11 -16.34 9.01 4.78
C ALA B 11 -16.12 7.60 5.30
N ALA B 12 -16.68 7.33 6.46
CA ALA B 12 -16.64 6.01 7.01
C ALA B 12 -18.05 5.58 7.49
N ARG B 13 -18.33 4.31 7.31
CA ARG B 13 -19.65 3.73 7.81
C ARG B 13 -19.38 2.49 8.60
N PRO B 14 -19.93 2.35 9.79
CA PRO B 14 -19.84 1.06 10.43
C PRO B 14 -20.69 0.03 9.73
N VAL B 15 -20.28 -1.21 9.83
CA VAL B 15 -21.10 -2.35 9.39
C VAL B 15 -21.79 -2.91 10.63
N GLU B 16 -23.12 -2.76 10.70
CA GLU B 16 -23.83 -3.04 11.96
C GLU B 16 -23.69 -4.50 12.43
N ALA B 17 -23.73 -5.43 11.49
CA ALA B 17 -23.66 -6.87 11.83
C ALA B 17 -22.32 -7.37 12.37
N ILE B 18 -21.23 -6.64 12.12
CA ILE B 18 -19.92 -7.02 12.59
C ILE B 18 -19.31 -5.80 13.32
N PRO B 19 -19.51 -5.77 14.64
CA PRO B 19 -19.00 -4.68 15.46
C PRO B 19 -17.50 -4.40 15.24
N GLY B 20 -17.14 -3.13 15.14
CA GLY B 20 -15.75 -2.76 14.88
C GLY B 20 -15.36 -2.62 13.43
N MET B 21 -16.12 -3.25 12.55
CA MET B 21 -15.84 -3.11 11.13
C MET B 21 -16.23 -1.72 10.58
N LEU B 22 -15.43 -1.15 9.69
CA LEU B 22 -15.71 0.14 9.07
C LEU B 22 -15.41 0.05 7.59
N GLU B 23 -16.29 0.65 6.80
CA GLU B 23 -16.13 0.79 5.38
C GLU B 23 -15.79 2.28 5.08
N PHE B 24 -14.71 2.53 4.35
CA PHE B 24 -14.37 3.88 4.00
C PHE B 24 -14.52 4.18 2.51
N ASP B 25 -15.12 5.34 2.19
CA ASP B 25 -15.02 5.90 0.85
C ASP B 25 -13.76 6.72 0.73
N ILE B 26 -12.89 6.37 -0.22
CA ILE B 26 -11.62 7.03 -0.42
C ILE B 26 -11.65 7.96 -1.66
N PRO B 27 -11.28 9.24 -1.46
CA PRO B 27 -11.18 10.20 -2.56
C PRO B 27 -10.08 9.76 -3.51
N VAL B 28 -10.48 9.55 -4.74
CA VAL B 28 -9.53 9.21 -5.77
C VAL B 28 -9.59 10.34 -6.80
N HIS B 29 -8.37 10.87 -7.11
CA HIS B 29 -8.26 12.05 -8.00
C HIS B 29 -7.70 11.64 -9.34
N GLY B 30 -8.43 11.86 -10.41
CA GLY B 30 -7.97 11.51 -11.74
C GLY B 30 -7.40 12.69 -12.50
N ASP B 31 -6.47 12.40 -13.38
CA ASP B 31 -5.95 13.39 -14.32
C ASP B 31 -5.39 12.69 -15.58
N ASN B 32 -4.63 13.44 -16.39
CA ASN B 32 -4.06 12.92 -17.63
C ASN B 32 -3.13 11.75 -17.44
N ARG B 33 -2.63 11.57 -16.21
CA ARG B 33 -1.66 10.50 -15.95
C ARG B 33 -2.28 9.21 -15.39
N GLY B 34 -3.47 9.28 -14.80
CA GLY B 34 -4.08 8.12 -14.21
C GLY B 34 -4.82 8.61 -12.98
N TRP B 35 -4.39 8.17 -11.81
CA TRP B 35 -4.98 8.69 -10.56
C TRP B 35 -4.10 8.66 -9.36
N PHE B 36 -4.60 9.32 -8.29
CA PHE B 36 -3.90 9.35 -7.02
C PHE B 36 -4.88 9.28 -5.93
N LYS B 37 -4.56 8.54 -4.87
CA LYS B 37 -5.33 8.56 -3.66
C LYS B 37 -4.42 8.59 -2.44
N GLU B 38 -4.99 9.15 -1.36
CA GLU B 38 -4.44 8.94 0.01
C GLU B 38 -5.14 7.71 0.54
N ASN B 39 -4.56 6.53 0.32
CA ASN B 39 -5.24 5.27 0.71
C ASN B 39 -5.48 5.18 2.22
N PHE B 40 -4.56 5.68 2.99
CA PHE B 40 -4.67 5.71 4.44
C PHE B 40 -4.06 7.03 4.93
N GLN B 41 -4.71 7.72 5.86
CA GLN B 41 -4.23 9.01 6.29
C GLN B 41 -4.71 9.10 7.77
N LYS B 42 -3.81 8.88 8.69
CA LYS B 42 -4.16 8.76 10.10
C LYS B 42 -4.89 9.97 10.61
N GLU B 43 -4.37 11.16 10.33
CA GLU B 43 -4.92 12.37 10.93
C GLU B 43 -6.34 12.63 10.45
N LYS B 44 -6.59 12.33 9.18
CA LYS B 44 -7.95 12.52 8.65
C LYS B 44 -8.92 11.39 8.96
N MET B 45 -8.40 10.21 9.24
CA MET B 45 -9.26 9.03 9.38
C MET B 45 -9.58 8.70 10.87
N LEU B 46 -8.70 9.06 11.81
CA LEU B 46 -9.04 8.91 13.25
C LEU B 46 -10.40 9.54 13.61
N PRO B 47 -10.62 10.80 13.25
CA PRO B 47 -11.90 11.46 13.53
C PRO B 47 -13.13 10.80 12.90
N LEU B 48 -12.92 10.04 11.83
CA LEU B 48 -14.04 9.32 11.21
C LEU B 48 -14.35 7.95 11.87
N GLY B 49 -13.56 7.53 12.84
CA GLY B 49 -13.73 6.24 13.48
C GLY B 49 -12.59 5.26 13.37
N PHE B 50 -11.58 5.52 12.54
CA PHE B 50 -10.45 4.58 12.46
C PHE B 50 -9.87 4.47 13.87
N PRO B 51 -9.78 3.28 14.45
CA PRO B 51 -9.44 3.16 15.90
C PRO B 51 -8.01 3.52 16.25
N GLU B 52 -7.86 4.34 17.29
CA GLU B 52 -6.55 4.74 17.79
C GLU B 52 -5.70 3.57 18.26
N SER B 53 -6.38 2.52 18.76
CA SER B 53 -5.75 1.30 19.22
C SER B 53 -4.95 0.57 18.12
N PHE B 54 -5.29 0.77 16.85
CA PHE B 54 -4.52 0.13 15.81
C PHE B 54 -3.00 0.37 15.93
N PHE B 55 -2.62 1.59 16.34
CA PHE B 55 -1.20 2.04 16.44
C PHE B 55 -0.50 1.96 17.77
N ALA B 56 -1.23 1.54 18.79
CA ALA B 56 -0.73 1.58 20.16
C ALA B 56 0.59 0.83 20.42
N GLU B 57 0.83 -0.30 19.75
CA GLU B 57 2.07 -1.07 19.98
C GLU B 57 3.25 -0.61 19.11
N GLY B 58 3.00 0.31 18.20
CA GLY B 58 4.04 0.82 17.34
C GLY B 58 4.44 -0.20 16.26
N LYS B 59 3.56 -1.15 15.95
CA LYS B 59 3.84 -2.22 14.97
C LYS B 59 3.15 -1.98 13.68
N LEU B 60 3.86 -2.25 12.61
CA LEU B 60 3.32 -2.05 11.29
C LEU B 60 3.92 -2.99 10.25
N GLN B 61 3.06 -3.57 9.48
CA GLN B 61 3.43 -4.38 8.35
C GLN B 61 2.43 -4.08 7.25
N ASN B 62 2.97 -3.99 6.07
CA ASN B 62 2.13 -3.76 4.85
C ASN B 62 2.40 -4.89 3.90
N ASN B 63 1.34 -5.64 3.58
CA ASN B 63 1.40 -6.81 2.70
C ASN B 63 0.69 -6.43 1.43
N VAL B 64 1.12 -7.03 0.33
CA VAL B 64 0.48 -6.88 -0.96
C VAL B 64 0.36 -8.22 -1.62
N SER B 65 -0.84 -8.58 -2.12
CA SER B 65 -0.99 -9.77 -2.91
C SER B 65 -1.43 -9.31 -4.30
N PHE B 66 -1.00 -10.06 -5.28
CA PHE B 66 -1.42 -9.83 -6.65
C PHE B 66 -2.10 -11.12 -7.06
N SER B 67 -3.32 -10.99 -7.61
CA SER B 67 -4.16 -12.18 -7.88
C SER B 67 -4.83 -12.01 -9.23
N ARG B 68 -5.07 -13.14 -9.89
CA ARG B 68 -5.72 -13.14 -11.20
C ARG B 68 -7.21 -13.43 -11.09
N LYS B 69 -7.94 -13.17 -12.18
CA LYS B 69 -9.41 -13.30 -12.21
C LYS B 69 -9.82 -14.69 -11.67
N ASN B 70 -10.86 -14.69 -10.86
CA ASN B 70 -11.49 -15.89 -10.31
C ASN B 70 -10.78 -16.51 -9.12
N VAL B 71 -9.60 -16.00 -8.77
CA VAL B 71 -8.99 -16.40 -7.49
C VAL B 71 -9.94 -16.05 -6.38
N LEU B 72 -10.13 -16.97 -5.46
CA LEU B 72 -10.90 -16.76 -4.25
C LEU B 72 -10.03 -17.17 -3.07
N ARG B 73 -9.79 -16.22 -2.16
CA ARG B 73 -8.96 -16.41 -0.99
C ARG B 73 -9.84 -16.22 0.27
N GLY B 74 -9.77 -17.13 1.25
CA GLY B 74 -10.49 -16.98 2.51
C GLY B 74 -11.06 -18.30 3.04
N LEU B 75 -11.71 -18.28 4.22
CA LEU B 75 -11.97 -17.10 5.00
C LEU B 75 -11.09 -17.21 6.26
N HIS B 76 -10.23 -16.22 6.48
CA HIS B 76 -9.23 -16.29 7.52
C HIS B 76 -9.42 -15.19 8.52
N ALA B 77 -9.52 -15.56 9.82
CA ALA B 77 -9.58 -14.59 10.92
C ALA B 77 -8.23 -14.63 11.59
N GLU B 78 -7.51 -13.52 11.54
CA GLU B 78 -6.12 -13.45 12.01
C GLU B 78 -6.05 -12.73 13.35
N PRO B 79 -5.00 -13.01 14.12
CA PRO B 79 -4.81 -12.43 15.45
C PRO B 79 -4.19 -11.01 15.41
N TRP B 80 -4.72 -10.18 14.52
CA TRP B 80 -4.34 -8.78 14.42
C TRP B 80 -5.42 -8.05 13.59
N ASP B 81 -5.45 -6.73 13.70
CA ASP B 81 -6.40 -5.89 12.94
C ASP B 81 -5.83 -5.66 11.54
N LYS B 82 -6.69 -5.31 10.61
CA LYS B 82 -6.32 -5.17 9.20
C LYS B 82 -7.03 -4.01 8.55
N TYR B 83 -6.33 -3.30 7.68
CA TYR B 83 -6.94 -2.22 6.93
C TYR B 83 -6.66 -2.60 5.47
N ILE B 84 -7.73 -2.90 4.73
CA ILE B 84 -7.63 -3.47 3.37
C ILE B 84 -8.07 -2.53 2.27
N SER B 85 -7.38 -2.60 1.18
CA SER B 85 -7.75 -1.80 0.02
C SER B 85 -7.19 -2.39 -1.29
N VAL B 86 -7.65 -1.83 -2.38
CA VAL B 86 -7.11 -2.20 -3.72
C VAL B 86 -6.18 -1.10 -4.22
N ALA B 87 -4.99 -1.48 -4.71
CA ALA B 87 -3.94 -0.52 -5.13
C ALA B 87 -3.84 -0.22 -6.65
N ASP B 88 -4.50 -1.03 -7.47
CA ASP B 88 -4.53 -0.90 -8.90
C ASP B 88 -5.90 -0.66 -9.47
N GLY B 89 -6.09 -0.94 -10.74
CA GLY B 89 -7.38 -0.77 -11.40
C GLY B 89 -8.36 -1.92 -11.19
N GLY B 90 -8.07 -2.86 -10.30
CA GLY B 90 -8.85 -4.09 -10.24
C GLY B 90 -10.00 -3.95 -9.26
N LYS B 91 -10.70 -5.07 -9.06
CA LYS B 91 -11.95 -5.07 -8.28
C LYS B 91 -12.10 -6.45 -7.64
N VAL B 92 -12.49 -6.50 -6.35
CA VAL B 92 -12.79 -7.78 -5.70
C VAL B 92 -14.19 -7.77 -5.05
N LEU B 93 -14.75 -8.93 -4.82
CA LEU B 93 -15.89 -9.08 -3.91
C LEU B 93 -15.33 -9.43 -2.57
N GLY B 94 -15.42 -8.51 -1.63
CA GLY B 94 -14.92 -8.72 -0.27
C GLY B 94 -16.00 -9.38 0.59
N THR B 95 -15.60 -10.34 1.44
CA THR B 95 -16.48 -11.18 2.24
C THR B 95 -15.92 -11.29 3.66
N TRP B 96 -16.78 -11.13 4.67
CA TRP B 96 -16.36 -11.22 6.08
C TRP B 96 -17.31 -12.07 6.88
N VAL B 97 -16.75 -12.86 7.79
CA VAL B 97 -17.58 -13.67 8.76
C VAL B 97 -17.02 -13.47 10.15
N ASP B 98 -17.85 -12.96 11.03
CA ASP B 98 -17.41 -12.75 12.42
C ASP B 98 -17.23 -14.14 13.08
N LEU B 99 -16.01 -14.40 13.55
CA LEU B 99 -15.68 -15.64 14.26
C LEU B 99 -15.45 -15.45 15.78
N ARG B 100 -15.84 -14.28 16.29
CA ARG B 100 -15.66 -13.92 17.67
C ARG B 100 -16.82 -14.47 18.45
N GLU B 101 -16.52 -14.97 19.67
CA GLU B 101 -17.50 -15.51 20.62
C GLU B 101 -18.45 -14.38 20.97
N GLY B 102 -19.74 -14.66 21.03
CA GLY B 102 -20.72 -13.62 21.37
C GLY B 102 -21.98 -13.71 20.51
N GLU B 103 -22.81 -12.69 20.64
CA GLU B 103 -24.04 -12.49 19.83
C GLU B 103 -23.88 -12.33 18.31
N THR B 104 -22.71 -11.95 17.86
CA THR B 104 -22.51 -11.77 16.41
C THR B 104 -21.76 -12.88 15.75
N PHE B 105 -21.45 -13.97 16.46
CA PHE B 105 -20.73 -15.09 15.85
C PHE B 105 -21.50 -15.60 14.59
N GLY B 106 -20.78 -15.69 13.46
CA GLY B 106 -21.30 -16.11 12.16
C GLY B 106 -21.99 -15.05 11.33
N ASN B 107 -22.09 -13.83 11.87
CA ASN B 107 -22.68 -12.72 11.14
C ASN B 107 -21.73 -12.43 9.92
N THR B 108 -22.31 -11.97 8.83
CA THR B 108 -21.56 -11.75 7.57
C THR B 108 -21.83 -10.38 6.94
N TYR B 109 -20.94 -10.03 6.01
CA TYR B 109 -21.07 -8.83 5.22
C TYR B 109 -20.25 -9.06 3.97
N GLN B 110 -20.75 -8.48 2.90
CA GLN B 110 -20.02 -8.48 1.61
C GLN B 110 -20.16 -7.16 0.89
N THR B 111 -19.12 -6.78 0.16
CA THR B 111 -19.15 -5.60 -0.66
C THR B 111 -18.07 -5.63 -1.73
N VAL B 112 -18.34 -5.00 -2.84
CA VAL B 112 -17.30 -4.81 -3.88
C VAL B 112 -16.30 -3.74 -3.45
N ILE B 113 -15.03 -4.08 -3.59
CA ILE B 113 -13.92 -3.16 -3.25
C ILE B 113 -13.11 -2.89 -4.50
N ASP B 114 -12.96 -1.62 -4.83
CA ASP B 114 -11.98 -1.19 -5.77
C ASP B 114 -11.13 -0.15 -5.12
N ALA B 115 -10.37 0.58 -5.89
CA ALA B 115 -9.39 1.54 -5.28
C ALA B 115 -10.07 2.68 -4.47
N SER B 116 -11.38 2.95 -4.73
CA SER B 116 -12.09 3.98 -4.03
C SER B 116 -12.83 3.54 -2.75
N LYS B 117 -12.55 2.33 -2.25
CA LYS B 117 -13.15 1.82 -1.01
C LYS B 117 -12.08 1.09 -0.24
N SER B 118 -12.06 1.28 1.06
N SER B 118 -12.05 1.28 1.07
CA SER B 118 -11.24 0.44 1.88
CA SER B 118 -11.19 0.45 1.90
C SER B 118 -12.09 -0.14 3.05
C SER B 118 -11.92 0.04 3.19
N ILE B 119 -11.52 -1.09 3.79
CA ILE B 119 -12.26 -1.71 4.92
C ILE B 119 -11.33 -1.87 6.11
N PHE B 120 -11.83 -1.52 7.30
CA PHE B 120 -11.17 -1.88 8.57
C PHE B 120 -11.79 -3.19 9.06
N VAL B 121 -10.96 -4.22 9.23
CA VAL B 121 -11.36 -5.52 9.69
C VAL B 121 -10.79 -5.80 11.07
N PRO B 122 -11.59 -5.81 12.14
CA PRO B 122 -11.08 -6.15 13.48
C PRO B 122 -10.49 -7.56 13.60
N ARG B 123 -9.55 -7.77 14.51
CA ARG B 123 -9.03 -9.11 14.82
C ARG B 123 -10.19 -10.03 15.15
N GLY B 124 -10.16 -11.29 14.62
CA GLY B 124 -11.21 -12.23 14.96
C GLY B 124 -12.33 -12.29 13.92
N VAL B 125 -12.32 -11.33 12.98
CA VAL B 125 -13.30 -11.34 11.88
C VAL B 125 -12.65 -11.99 10.70
N ALA B 126 -13.22 -13.06 10.20
CA ALA B 126 -12.61 -13.72 9.01
C ALA B 126 -12.81 -12.90 7.73
N ASN B 127 -11.76 -12.87 6.92
CA ASN B 127 -11.61 -12.01 5.77
C ASN B 127 -11.36 -12.88 4.52
N GLY B 128 -11.99 -12.49 3.44
CA GLY B 128 -11.70 -13.11 2.19
C GLY B 128 -12.09 -12.25 0.98
N PHE B 129 -11.74 -12.70 -0.19
CA PHE B 129 -12.20 -12.02 -1.41
C PHE B 129 -12.17 -12.93 -2.62
N GLN B 130 -12.93 -12.54 -3.62
CA GLN B 130 -12.85 -13.16 -4.95
C GLN B 130 -12.60 -12.08 -6.01
N VAL B 131 -11.62 -12.35 -6.86
CA VAL B 131 -11.21 -11.38 -7.90
C VAL B 131 -12.19 -11.33 -9.09
N LEU B 132 -12.73 -10.14 -9.32
CA LEU B 132 -13.69 -9.87 -10.42
C LEU B 132 -13.06 -9.36 -11.72
N SER B 133 -12.00 -8.52 -11.58
CA SER B 133 -11.23 -8.03 -12.70
C SER B 133 -10.18 -9.07 -13.15
N ASP B 134 -9.47 -8.76 -14.27
CA ASP B 134 -8.54 -9.70 -14.83
C ASP B 134 -7.42 -10.02 -13.85
N PHE B 135 -7.00 -8.98 -13.15
CA PHE B 135 -6.07 -9.10 -12.02
C PHE B 135 -6.31 -7.96 -11.00
N VAL B 136 -5.72 -8.12 -9.83
CA VAL B 136 -5.90 -7.13 -8.78
C VAL B 136 -4.73 -7.11 -7.82
N ALA B 137 -4.41 -5.91 -7.37
CA ALA B 137 -3.40 -5.69 -6.36
C ALA B 137 -4.11 -5.35 -5.06
N TYR B 138 -3.95 -6.19 -4.05
CA TYR B 138 -4.64 -6.09 -2.77
C TYR B 138 -3.65 -5.73 -1.74
N SER B 139 -3.75 -4.53 -1.21
CA SER B 139 -2.74 -4.00 -0.24
C SER B 139 -3.39 -3.77 1.08
N TYR B 140 -2.74 -4.26 2.08
CA TYR B 140 -3.30 -4.02 3.43
C TYR B 140 -2.28 -3.75 4.50
N LEU B 141 -2.76 -3.09 5.53
CA LEU B 141 -1.93 -2.74 6.65
C LEU B 141 -2.38 -3.58 7.86
N VAL B 142 -1.43 -4.11 8.62
CA VAL B 142 -1.72 -4.87 9.85
C VAL B 142 -0.87 -4.37 11.02
N ASN B 143 -1.31 -4.60 12.24
CA ASN B 143 -0.65 -4.08 13.40
C ASN B 143 0.02 -5.13 14.31
N ASP B 144 0.42 -6.25 13.73
CA ASP B 144 1.34 -7.18 14.39
C ASP B 144 2.09 -7.94 13.32
N TYR B 145 3.18 -8.60 13.71
CA TYR B 145 4.07 -9.22 12.73
C TYR B 145 3.79 -10.72 12.54
N TRP B 146 3.77 -11.10 11.27
CA TRP B 146 3.45 -12.44 10.85
C TRP B 146 4.62 -13.35 11.21
N ALA B 147 4.27 -14.57 11.61
CA ALA B 147 5.27 -15.61 11.79
C ALA B 147 4.59 -16.93 11.53
N LEU B 148 5.36 -17.88 11.05
CA LEU B 148 4.86 -19.23 10.83
C LEU B 148 4.24 -19.80 12.11
N GLU B 149 4.90 -19.55 13.24
CA GLU B 149 4.46 -20.06 14.53
C GLU B 149 3.15 -19.45 15.06
N LEU B 150 2.65 -18.40 14.41
CA LEU B 150 1.37 -17.79 14.81
C LEU B 150 0.15 -18.40 14.11
N LYS B 151 0.36 -19.30 13.16
CA LYS B 151 -0.75 -19.87 12.40
C LYS B 151 -1.77 -20.59 13.30
N PRO B 152 -1.36 -21.31 14.34
CA PRO B 152 -2.35 -21.94 15.23
C PRO B 152 -3.32 -20.96 15.95
N LYS B 153 -3.00 -19.66 15.99
CA LYS B 153 -3.90 -18.66 16.55
C LYS B 153 -5.02 -18.18 15.59
N TYR B 154 -4.90 -18.51 14.32
CA TYR B 154 -5.94 -18.04 13.40
C TYR B 154 -7.18 -18.89 13.63
N ALA B 155 -8.32 -18.36 13.22
CA ALA B 155 -9.48 -19.19 12.95
C ALA B 155 -9.78 -19.15 11.46
N PHE B 156 -10.33 -20.23 10.94
CA PHE B 156 -10.65 -20.36 9.51
C PHE B 156 -12.10 -20.82 9.37
N VAL B 157 -12.78 -20.34 8.35
CA VAL B 157 -14.04 -20.95 7.97
C VAL B 157 -14.14 -21.15 6.46
N ASN B 158 -14.77 -22.23 6.06
CA ASN B 158 -14.77 -22.65 4.65
C ASN B 158 -15.61 -21.70 3.81
N TYR B 159 -15.07 -21.23 2.68
CA TYR B 159 -15.72 -20.23 1.86
C TYR B 159 -17.03 -20.78 1.30
N ALA B 160 -17.08 -22.09 1.16
CA ALA B 160 -18.25 -22.76 0.56
C ALA B 160 -19.28 -23.23 1.60
N ASP B 161 -19.07 -22.89 2.86
CA ASP B 161 -19.98 -23.42 3.89
C ASP B 161 -21.36 -22.86 3.59
N PRO B 162 -22.33 -23.72 3.27
CA PRO B 162 -23.68 -23.27 2.91
C PRO B 162 -24.44 -22.59 4.05
N SER B 163 -23.95 -22.69 5.28
CA SER B 163 -24.62 -22.04 6.43
C SER B 163 -24.23 -20.54 6.44
N LEU B 164 -23.22 -20.17 5.66
CA LEU B 164 -22.80 -18.79 5.62
C LEU B 164 -23.79 -18.04 4.76
N ASP B 165 -24.28 -16.95 5.31
CA ASP B 165 -25.15 -16.09 4.56
C ASP B 165 -24.29 -15.17 3.69
N ILE B 166 -23.83 -15.72 2.55
CA ILE B 166 -22.95 -15.05 1.57
C ILE B 166 -23.19 -15.65 0.18
N LYS B 167 -22.92 -14.88 -0.85
CA LYS B 167 -22.90 -15.37 -2.22
C LYS B 167 -21.63 -14.94 -2.89
N TRP B 168 -20.93 -15.89 -3.48
CA TRP B 168 -19.83 -15.61 -4.41
C TRP B 168 -20.33 -15.51 -5.86
N GLU B 169 -19.52 -14.85 -6.69
CA GLU B 169 -19.76 -14.69 -8.13
C GLU B 169 -19.56 -15.93 -8.97
N ASN B 170 -18.45 -16.66 -8.84
CA ASN B 170 -18.28 -17.77 -9.81
C ASN B 170 -17.66 -18.89 -9.07
N LEU B 171 -18.41 -19.94 -8.78
CA LEU B 171 -17.79 -20.98 -7.96
C LEU B 171 -17.23 -22.03 -8.87
N GLU B 172 -17.92 -22.26 -9.99
CA GLU B 172 -17.52 -23.24 -11.01
C GLU B 172 -16.11 -22.98 -11.47
N GLU B 173 -15.77 -21.70 -11.52
CA GLU B 173 -14.53 -21.28 -12.12
C GLU B 173 -13.57 -20.72 -11.08
N ALA B 174 -13.97 -20.78 -9.80
CA ALA B 174 -13.17 -20.22 -8.72
C ALA B 174 -11.84 -20.97 -8.63
N GLU B 175 -10.76 -20.25 -8.38
CA GLU B 175 -9.46 -20.85 -8.17
C GLU B 175 -9.13 -20.74 -6.69
N VAL B 176 -9.26 -21.88 -5.99
CA VAL B 176 -9.08 -21.96 -4.53
C VAL B 176 -7.90 -22.86 -4.17
N SER B 177 -7.04 -22.36 -3.28
CA SER B 177 -5.91 -23.14 -2.67
C SER B 177 -6.38 -24.36 -1.89
N GLU B 178 -5.45 -25.30 -1.69
CA GLU B 178 -5.80 -26.56 -1.04
C GLU B 178 -6.11 -26.26 0.43
N ALA B 179 -5.38 -25.33 1.03
CA ALA B 179 -5.68 -24.91 2.41
C ALA B 179 -7.12 -24.41 2.51
N ASP B 180 -7.46 -23.49 1.59
CA ASP B 180 -8.79 -22.86 1.61
C ASP B 180 -9.95 -23.79 1.26
N GLU B 181 -9.69 -24.80 0.44
CA GLU B 181 -10.72 -25.78 0.14
C GLU B 181 -11.11 -26.63 1.37
N ASN B 182 -10.21 -26.75 2.33
CA ASN B 182 -10.32 -27.73 3.38
C ASN B 182 -10.52 -27.13 4.80
N HIS B 183 -10.76 -25.82 4.88
CA HIS B 183 -11.05 -25.15 6.17
C HIS B 183 -12.38 -25.70 6.69
N PRO B 184 -12.55 -25.71 8.01
CA PRO B 184 -13.74 -26.33 8.60
C PRO B 184 -14.99 -25.51 8.35
N PHE B 185 -16.13 -26.17 8.43
CA PHE B 185 -17.40 -25.46 8.38
C PHE B 185 -17.65 -24.76 9.71
N LEU B 186 -18.51 -23.75 9.67
CA LEU B 186 -18.82 -22.92 10.81
C LEU B 186 -19.18 -23.67 12.09
N LYS B 187 -19.93 -24.77 11.94
CA LYS B 187 -20.41 -25.61 13.05
C LYS B 187 -19.21 -26.14 13.85
N ASP B 188 -18.10 -26.39 13.13
CA ASP B 188 -16.88 -26.97 13.74
C ASP B 188 -15.79 -25.96 14.12
N VAL B 189 -16.05 -24.67 13.92
CA VAL B 189 -15.18 -23.59 14.37
C VAL B 189 -15.44 -23.31 15.84
N LYS B 190 -14.37 -23.23 16.63
CA LYS B 190 -14.48 -22.82 18.04
C LYS B 190 -14.45 -21.29 18.08
N PRO B 191 -15.50 -20.62 18.56
CA PRO B 191 -15.49 -19.16 18.55
C PRO B 191 -14.30 -18.57 19.31
N LEU B 192 -13.71 -17.53 18.74
CA LEU B 192 -12.57 -16.87 19.32
C LEU B 192 -12.95 -16.03 20.53
N ARG B 193 -12.36 -16.35 21.65
CA ARG B 193 -12.58 -15.56 22.85
C ARG B 193 -11.66 -14.35 22.73
N LYS B 194 -12.10 -13.17 23.16
CA LYS B 194 -11.24 -11.98 23.06
C LYS B 194 -10.15 -12.15 24.10
N GLU B 195 -10.58 -12.79 25.17
CA GLU B 195 -9.97 -12.78 26.49
C GLU B 195 -8.53 -13.24 26.39
N ASP B 196 -8.38 -14.35 25.70
CA ASP B 196 -7.08 -14.96 25.58
C ASP B 196 -6.52 -14.71 24.20
N LEU B 197 -7.39 -14.42 23.21
CA LEU B 197 -6.98 -14.30 21.80
C LEU B 197 -7.11 -12.90 21.24
O6 DAU C . 2.57 9.35 -7.58
C6 DAU C . 3.61 9.40 -6.59
C5 DAU C . 4.02 10.83 -6.30
O5 DAU C . 2.86 11.44 -5.78
C4 DAU C . 5.12 10.96 -5.27
O4 DAU C . 6.22 10.24 -5.88
C3 DAU C . 5.26 12.47 -4.93
O3 DAU C . 6.09 12.70 -3.76
C2 DAU C . 3.93 13.17 -4.60
O2 DAU C . 3.99 14.60 -4.56
C1 DAU C . 2.88 12.83 -5.64
O1 DAU C . 3.15 13.50 -6.86
P2 DAU C . 2.15 13.39 -8.10
O3P DAU C . 2.77 14.23 -9.26
O4P DAU C . 1.84 11.89 -8.40
OPP DAU C . 0.87 14.06 -7.44
P DAU C . 0.26 15.53 -7.52
O1P DAU C . 1.06 16.44 -6.46
O2P DAU C . 0.12 15.94 -9.03
O5' DAU C . -1.18 15.22 -6.87
C5' DAU C . -2.12 14.42 -7.51
C4' DAU C . -3.52 14.58 -6.88
O4' DAU C . -3.48 14.04 -5.55
C3' DAU C . -3.89 16.03 -6.75
O3' DAU C . -5.30 16.20 -7.07
C2' DAU C . -3.59 16.40 -5.31
C1' DAU C . -3.78 15.06 -4.60
N11 DAU C . -2.88 14.77 -3.46
C61 DAU C . -1.54 14.72 -3.66
C51 DAU C . -0.73 14.36 -2.59
C5A DAU C . 0.80 14.33 -2.73
C21 DAU C . -3.41 14.42 -2.27
O21 DAU C . -4.70 14.40 -2.08
N31 DAU C . -2.66 14.05 -1.23
C41 DAU C . -1.34 14.03 -1.38
O41 DAU C . -0.66 13.67 -0.29
O6 DAU D . -3.92 -12.31 -0.32
C6 DAU D . -4.17 -11.70 0.93
C5 DAU D . -4.17 -12.75 2.03
O5 DAU D . -2.83 -13.20 2.25
C4 DAU D . -4.77 -12.18 3.30
O4 DAU D . -6.13 -11.83 3.01
C3 DAU D . -4.68 -13.19 4.44
O3 DAU D . -5.12 -12.60 5.66
C2 DAU D . -3.25 -13.72 4.60
O2 DAU D . -3.24 -14.80 5.55
C1 DAU D . -2.69 -14.20 3.27
O1 DAU D . -3.39 -15.40 2.92
P2 DAU D . -3.21 -16.05 1.46
O3P DAU D . -4.13 -17.36 1.37
O4P DAU D . -3.33 -14.86 0.37
OPP DAU D . -1.66 -16.46 1.42
P DAU D . -1.00 -17.63 2.28
O1P DAU D . -1.56 -17.66 3.79
O2P DAU D . -1.08 -18.95 1.36
O5' DAU D . 0.52 -17.10 2.32
C5' DAU D . 1.09 -16.66 1.10
C4' DAU D . 2.61 -16.62 1.23
O4' DAU D . 3.02 -15.44 1.90
C3' DAU D . 3.14 -17.76 2.07
O3' DAU D . 4.35 -18.18 1.45
C2' DAU D . 3.46 -17.17 3.43
C1' DAU D . 3.82 -15.75 3.07
N11 DAU D . 3.46 -14.72 4.03
C61 DAU D . 2.16 -14.52 4.28
C51 DAU D . 1.77 -13.52 5.13
C5A DAU D . 0.32 -13.29 5.45
C21 DAU D . 4.40 -13.91 4.60
O21 DAU D . 5.72 -14.03 4.40
N31 DAU D . 4.02 -12.95 5.43
C41 DAU D . 2.77 -12.74 5.70
O41 DAU D . 2.50 -11.76 6.50
#